data_9DF8
#
_entry.id   9DF8
#
_cell.length_a   31.037
_cell.length_b   36.018
_cell.length_c   64.069
_cell.angle_alpha   85.883
_cell.angle_beta   86.748
_cell.angle_gamma   65.283
#
_symmetry.space_group_name_H-M   'P 1'
#
loop_
_entity.id
_entity.type
_entity.pdbx_description
1 polymer 'Retinol-binding protein 2'
2 non-polymer 'ACETATE ION'
3 non-polymer GLYCEROL
4 non-polymer (4aP)-N,N-diethyl-9,9-dimethyl-7-[(1E)-prop-1-en-1-yl]-9H-fluoren-2-amine
5 water water
#
_entity_poly.entity_id   1
_entity_poly.type   'polypeptide(L)'
_entity_poly.pdbx_seq_one_letter_code
;TRDANGTWEMESNENFEGWMKALDIDFALRKIAVRLTLTLVIDQDGDNFKVKCTSTFANYDVDFTVGVEFDEYTKSLDNR
HVKALVTWEGDVLVCVQKGEKENRGWKKWIEGDKLYLELTCGDQVCRQVFKKK
;
_entity_poly.pdbx_strand_id   B,A
#
loop_
_chem_comp.id
_chem_comp.type
_chem_comp.name
_chem_comp.formula
ACT non-polymer 'ACETATE ION' 'C2 H3 O2 -1'
GOL non-polymer GLYCEROL 'C3 H8 O3'
ZFJ non-polymer (4aP)-N,N-diethyl-9,9-dimethyl-7-[(1E)-prop-1-en-1-yl]-9H-fluoren-2-amine 'C22 H27 N'
#
# COMPACT_ATOMS: atom_id res chain seq x y z
N THR A 1 -0.63 23.67 -8.91
CA THR A 1 -0.64 23.08 -7.58
C THR A 1 -2.05 23.18 -6.99
N ARG A 2 -2.92 23.94 -7.65
CA ARG A 2 -4.36 23.77 -7.45
C ARG A 2 -4.93 22.66 -8.33
N ASP A 3 -4.08 21.96 -9.09
CA ASP A 3 -4.52 20.91 -10.01
C ASP A 3 -4.23 19.55 -9.38
N ALA A 4 -5.28 18.89 -8.92
CA ALA A 4 -5.16 17.61 -8.24
C ALA A 4 -5.41 16.42 -9.17
N ASN A 5 -5.70 16.67 -10.44
CA ASN A 5 -5.90 15.58 -11.39
C ASN A 5 -4.80 14.52 -11.27
N GLY A 6 -5.20 13.26 -11.34
CA GLY A 6 -4.22 12.20 -11.47
C GLY A 6 -4.72 10.90 -10.86
N THR A 7 -3.95 9.85 -11.09
CA THR A 7 -4.06 8.60 -10.33
C THR A 7 -2.96 8.62 -9.29
N TRP A 8 -3.33 8.51 -8.03
CA TRP A 8 -2.40 8.73 -6.93
C TRP A 8 -2.24 7.43 -6.15
N GLU A 9 -1.00 7.00 -5.99
CA GLU A 9 -0.68 5.74 -5.32
C GLU A 9 -0.18 6.03 -3.92
N MET A 10 -0.80 5.40 -2.93
CA MET A 10 -0.41 5.68 -1.56
C MET A 10 1.02 5.20 -1.30
N GLU A 11 1.79 6.03 -0.62
CA GLU A 11 3.15 5.67 -0.25
C GLU A 11 3.43 5.78 1.24
N SER A 12 2.60 6.47 2.02
CA SER A 12 2.77 6.54 3.46
C SER A 12 1.38 6.69 4.06
N ASN A 13 1.18 6.13 5.26
CA ASN A 13 -0.13 6.12 5.90
C ASN A 13 0.06 6.05 7.41
N GLU A 14 -0.09 7.19 8.07
CA GLU A 14 0.23 7.38 9.48
C GLU A 14 -1.07 7.51 10.30
N ASN A 15 -1.18 6.71 11.36
CA ASN A 15 -2.34 6.75 12.27
C ASN A 15 -3.67 6.50 11.56
N PHE A 16 -3.67 5.57 10.60
CA PHE A 16 -4.90 5.19 9.90
C PHE A 16 -5.87 4.50 10.84
N GLU A 17 -5.38 3.59 11.69
CA GLU A 17 -6.27 2.90 12.61
C GLU A 17 -6.88 3.85 13.63
N GLY A 18 -6.10 4.83 14.10
CA GLY A 18 -6.63 5.78 15.08
C GLY A 18 -7.73 6.65 14.50
N TRP A 19 -7.56 7.07 13.25
CA TRP A 19 -8.62 7.81 12.57
C TRP A 19 -9.88 6.95 12.36
N MET A 20 -9.70 5.69 11.94
CA MET A 20 -10.88 4.84 11.75
C MET A 20 -11.56 4.55 13.08
N LYS A 21 -10.80 4.46 14.17
CA LYS A 21 -11.40 4.23 15.47
C LYS A 21 -12.20 5.44 15.94
N ALA A 22 -11.69 6.65 15.64
CA ALA A 22 -12.46 7.85 15.96
C ALA A 22 -13.78 7.91 15.20
N LEU A 23 -13.84 7.31 14.01
CA LEU A 23 -15.09 7.23 13.25
C LEU A 23 -15.98 6.07 13.68
N ASP A 24 -15.50 5.20 14.57
CA ASP A 24 -16.24 4.04 15.03
C ASP A 24 -16.39 2.98 13.95
N ILE A 25 -15.44 2.92 13.02
CA ILE A 25 -15.39 1.81 12.08
C ILE A 25 -15.13 0.52 12.85
N ASP A 26 -15.87 -0.53 12.48
CA ASP A 26 -15.74 -1.84 13.12
C ASP A 26 -14.28 -2.26 13.21
N PHE A 27 -13.89 -2.76 14.38
CA PHE A 27 -12.55 -3.30 14.54
C PHE A 27 -12.24 -4.32 13.45
N ALA A 28 -13.23 -5.15 13.10
CA ALA A 28 -13.07 -6.08 11.98
C ALA A 28 -12.63 -5.34 10.72
N LEU A 29 -13.42 -4.37 10.28
CA LEU A 29 -13.10 -3.66 9.05
C LEU A 29 -11.76 -2.93 9.15
N ARG A 30 -11.45 -2.33 10.31
CA ARG A 30 -10.15 -1.70 10.49
C ARG A 30 -9.03 -2.68 10.16
N LYS A 31 -9.18 -3.92 10.66
CA LYS A 31 -8.17 -4.99 10.46
C LYS A 31 -7.90 -5.20 8.96
N ILE A 32 -8.96 -5.27 8.15
CA ILE A 32 -8.79 -5.48 6.72
C ILE A 32 -8.27 -4.23 6.03
N ALA A 33 -8.76 -3.06 6.44
CA ALA A 33 -8.44 -1.85 5.72
C ALA A 33 -6.96 -1.53 5.78
N VAL A 34 -6.32 -1.83 6.92
CA VAL A 34 -4.90 -1.48 7.07
C VAL A 34 -4.04 -2.29 6.11
N ARG A 35 -4.47 -3.44 5.67
CA ARG A 35 -3.64 -4.23 4.78
C ARG A 35 -3.80 -3.95 3.31
N LEU A 36 -4.86 -3.28 2.96
CA LEU A 36 -5.18 -3.13 1.55
C LEU A 36 -4.48 -1.95 0.92
N THR A 37 -4.11 -2.12 -0.35
CA THR A 37 -3.50 -1.06 -1.18
C THR A 37 -4.64 -0.13 -1.62
N LEU A 38 -4.43 1.18 -1.49
CA LEU A 38 -5.47 2.16 -1.81
C LEU A 38 -4.99 3.01 -2.98
N THR A 39 -5.84 3.19 -3.98
CA THR A 39 -5.57 4.09 -5.08
C THR A 39 -6.58 5.23 -5.06
N LEU A 40 -6.08 6.46 -5.19
CA LEU A 40 -6.89 7.67 -5.14
C LEU A 40 -6.90 8.28 -6.54
N VAL A 41 -8.05 8.27 -7.21
CA VAL A 41 -8.19 8.83 -8.54
C VAL A 41 -9.02 10.11 -8.46
N ILE A 42 -8.47 11.21 -8.96
CA ILE A 42 -9.12 12.52 -8.90
C ILE A 42 -9.30 13.04 -10.31
N ASP A 43 -10.52 13.42 -10.65
CA ASP A 43 -10.86 14.08 -11.91
C ASP A 43 -11.38 15.45 -11.55
N GLN A 44 -10.62 16.49 -11.90
CA GLN A 44 -10.96 17.86 -11.55
C GLN A 44 -11.15 18.68 -12.81
N ASP A 45 -12.28 19.37 -12.94
CA ASP A 45 -12.51 20.28 -14.05
C ASP A 45 -13.02 21.59 -13.48
N GLY A 46 -12.13 22.56 -13.34
CA GLY A 46 -12.50 23.80 -12.65
C GLY A 46 -12.86 23.50 -11.21
N ASP A 47 -14.03 23.98 -10.78
CA ASP A 47 -14.52 23.71 -9.42
C ASP A 47 -15.16 22.34 -9.27
N ASN A 48 -15.25 21.56 -10.35
CA ASN A 48 -15.96 20.29 -10.31
C ASN A 48 -14.96 19.17 -10.05
N PHE A 49 -15.23 18.35 -9.03
CA PHE A 49 -14.36 17.26 -8.64
C PHE A 49 -15.14 15.94 -8.66
N LYS A 50 -14.47 14.88 -9.10
CA LYS A 50 -14.94 13.52 -8.85
C LYS A 50 -13.78 12.73 -8.26
N VAL A 51 -13.98 12.24 -7.05
CA VAL A 51 -12.93 11.53 -6.32
C VAL A 51 -13.34 10.07 -6.17
N LYS A 52 -12.41 9.16 -6.47
CA LYS A 52 -12.67 7.73 -6.36
C LYS A 52 -11.50 7.09 -5.63
N CYS A 53 -11.79 6.47 -4.49
CA CYS A 53 -10.84 5.76 -3.68
C CYS A 53 -11.17 4.28 -3.83
N THR A 54 -10.21 3.48 -4.27
CA THR A 54 -10.52 2.10 -4.58
C THR A 54 -9.52 1.17 -3.91
N SER A 55 -10.03 0.03 -3.43
CA SER A 55 -9.24 -1.06 -2.89
C SER A 55 -9.89 -2.37 -3.32
N THR A 56 -9.22 -3.48 -2.98
CA THR A 56 -9.75 -4.82 -3.21
C THR A 56 -11.22 -4.96 -2.87
N PHE A 57 -11.61 -4.44 -1.72
CA PHE A 57 -12.93 -4.71 -1.16
C PHE A 57 -13.82 -3.49 -1.12
N ALA A 58 -13.32 -2.37 -0.61
CA ALA A 58 -14.11 -1.17 -0.43
C ALA A 58 -13.95 -0.22 -1.61
N ASN A 59 -14.97 0.62 -1.79
CA ASN A 59 -14.97 1.68 -2.78
C ASN A 59 -15.63 2.91 -2.18
N TYR A 60 -14.99 4.08 -2.30
CA TYR A 60 -15.50 5.32 -1.73
C TYR A 60 -15.39 6.42 -2.79
N ASP A 61 -16.54 6.80 -3.37
CA ASP A 61 -16.57 7.79 -4.44
C ASP A 61 -17.41 8.97 -4.01
N VAL A 62 -16.98 10.17 -4.40
CA VAL A 62 -17.71 11.39 -4.08
C VAL A 62 -17.48 12.39 -5.19
N ASP A 63 -18.51 13.14 -5.52
CA ASP A 63 -18.39 14.27 -6.44
C ASP A 63 -18.88 15.51 -5.73
N PHE A 64 -18.23 16.62 -6.00
CA PHE A 64 -18.60 17.86 -5.34
C PHE A 64 -18.18 19.02 -6.21
N THR A 65 -18.75 20.18 -5.91
CA THR A 65 -18.36 21.45 -6.51
C THR A 65 -17.81 22.35 -5.41
N VAL A 66 -16.63 22.91 -5.66
CA VAL A 66 -15.98 23.77 -4.69
C VAL A 66 -16.93 24.90 -4.32
N GLY A 67 -17.09 25.12 -3.02
CA GLY A 67 -17.89 26.22 -2.50
C GLY A 67 -19.38 26.00 -2.45
N VAL A 68 -19.84 24.78 -2.73
CA VAL A 68 -21.26 24.41 -2.71
C VAL A 68 -21.44 23.29 -1.68
N GLU A 69 -22.16 23.58 -0.62
CA GLU A 69 -22.47 22.57 0.38
C GLU A 69 -23.23 21.40 -0.24
N PHE A 70 -22.96 20.19 0.26
CA PHE A 70 -23.64 19.01 -0.26
C PHE A 70 -23.86 17.99 0.86
N ASP A 71 -25.02 17.35 0.82
CA ASP A 71 -25.29 16.28 1.76
C ASP A 71 -24.49 15.04 1.38
N GLU A 72 -23.90 14.42 2.36
CA GLU A 72 -23.07 13.26 2.10
C GLU A 72 -23.50 12.14 3.03
N TYR A 73 -23.55 10.91 2.50
CA TYR A 73 -23.86 9.76 3.33
C TYR A 73 -22.71 8.78 3.15
N THR A 74 -21.92 8.61 4.22
CA THR A 74 -20.63 7.91 4.13
C THR A 74 -20.84 6.40 4.18
N LYS A 75 -21.65 5.92 3.23
CA LYS A 75 -22.19 4.56 3.24
C LYS A 75 -21.11 3.48 3.35
N SER A 76 -20.01 3.63 2.62
CA SER A 76 -18.92 2.67 2.66
C SER A 76 -17.90 2.96 3.74
N LEU A 77 -18.14 3.95 4.59
CA LEU A 77 -17.21 4.30 5.66
C LEU A 77 -17.90 4.07 7.01
N ASP A 78 -18.26 5.15 7.71
CA ASP A 78 -18.91 5.03 9.02
C ASP A 78 -20.43 5.13 8.93
N ASN A 79 -20.97 5.32 7.72
CA ASN A 79 -22.42 5.33 7.49
C ASN A 79 -23.11 6.44 8.29
N ARG A 80 -22.67 7.67 8.05
CA ARG A 80 -23.25 8.84 8.70
C ARG A 80 -23.63 9.87 7.66
N HIS A 81 -24.61 10.69 8.02
CA HIS A 81 -25.01 11.84 7.23
C HIS A 81 -24.22 13.05 7.72
N VAL A 82 -23.50 13.70 6.81
CA VAL A 82 -22.82 14.96 7.12
C VAL A 82 -23.17 15.97 6.05
N LYS A 83 -23.05 17.26 6.41
CA LYS A 83 -23.13 18.38 5.47
C LYS A 83 -21.71 18.77 5.12
N ALA A 84 -21.31 18.51 3.88
CA ALA A 84 -19.91 18.68 3.50
C ALA A 84 -19.70 19.97 2.70
N LEU A 85 -18.48 20.48 2.77
CA LEU A 85 -18.13 21.70 2.04
C LEU A 85 -16.65 21.69 1.78
N VAL A 86 -16.27 21.88 0.52
CA VAL A 86 -14.89 21.88 0.07
C VAL A 86 -14.56 23.26 -0.48
N THR A 87 -13.48 23.85 0.04
CA THR A 87 -13.08 25.19 -0.36
C THR A 87 -11.57 25.24 -0.53
N TRP A 88 -11.10 26.32 -1.16
CA TRP A 88 -9.67 26.59 -1.26
C TRP A 88 -9.26 27.57 -0.18
N GLU A 89 -8.23 27.21 0.58
CA GLU A 89 -7.56 28.15 1.48
C GLU A 89 -6.16 28.32 0.92
N GLY A 90 -6.00 29.32 0.06
CA GLY A 90 -4.77 29.42 -0.71
C GLY A 90 -4.73 28.26 -1.68
N ASP A 91 -3.65 27.47 -1.65
CA ASP A 91 -3.60 26.29 -2.50
C ASP A 91 -3.99 25.01 -1.77
N VAL A 92 -4.41 25.11 -0.52
CA VAL A 92 -4.85 23.96 0.26
C VAL A 92 -6.32 23.69 -0.03
N LEU A 93 -6.65 22.46 -0.42
CA LEU A 93 -8.04 22.07 -0.58
C LEU A 93 -8.57 21.53 0.74
N VAL A 94 -9.66 22.11 1.23
CA VAL A 94 -10.08 21.90 2.62
C VAL A 94 -11.53 21.43 2.60
N CYS A 95 -11.80 20.33 3.30
CA CYS A 95 -13.14 19.77 3.43
C CYS A 95 -13.55 19.78 4.90
N VAL A 96 -14.73 20.34 5.18
CA VAL A 96 -15.34 20.29 6.50
CA VAL A 96 -15.34 20.29 6.49
C VAL A 96 -16.62 19.46 6.36
N GLN A 97 -16.80 18.51 7.26
CA GLN A 97 -17.99 17.64 7.26
C GLN A 97 -18.73 17.89 8.55
N LYS A 98 -19.81 18.65 8.48
CA LYS A 98 -20.54 19.04 9.68
C LYS A 98 -21.52 17.94 10.04
N GLY A 99 -21.46 17.49 11.29
CA GLY A 99 -22.39 16.49 11.77
C GLY A 99 -22.09 16.08 13.19
N GLU A 100 -22.27 14.79 13.51
CA GLU A 100 -22.07 14.32 14.88
C GLU A 100 -20.62 14.50 15.33
N LYS A 101 -19.68 14.12 14.48
CA LYS A 101 -18.28 14.16 14.84
C LYS A 101 -17.74 15.58 14.78
N GLU A 102 -16.91 15.93 15.76
CA GLU A 102 -16.25 17.21 15.73
C GLU A 102 -14.94 17.11 14.95
N ASN A 103 -14.50 18.26 14.44
CA ASN A 103 -13.23 18.37 13.73
C ASN A 103 -13.13 17.34 12.61
N ARG A 104 -14.26 17.09 11.95
CA ARG A 104 -14.30 16.07 10.91
C ARG A 104 -14.07 16.70 9.54
N GLY A 105 -13.10 16.15 8.80
CA GLY A 105 -12.88 16.58 7.43
C GLY A 105 -11.52 16.12 6.93
N TRP A 106 -11.01 16.84 5.94
CA TRP A 106 -9.69 16.54 5.40
C TRP A 106 -9.12 17.78 4.72
N LYS A 107 -7.83 17.70 4.45
CA LYS A 107 -7.09 18.74 3.77
C LYS A 107 -6.12 18.12 2.81
N LYS A 108 -5.94 18.76 1.68
CA LYS A 108 -5.06 18.25 0.66
C LYS A 108 -4.10 19.32 0.17
N TRP A 109 -2.83 18.95 0.13
CA TRP A 109 -1.76 19.77 -0.35
C TRP A 109 -1.15 19.06 -1.52
N ILE A 110 -1.18 19.67 -2.70
CA ILE A 110 -0.55 19.07 -3.87
C ILE A 110 0.78 19.78 -4.08
N GLU A 111 1.88 19.01 -4.01
CA GLU A 111 3.24 19.52 -4.17
C GLU A 111 3.90 18.73 -5.29
N GLY A 112 3.70 19.18 -6.53
CA GLY A 112 4.29 18.53 -7.68
C GLY A 112 3.85 17.11 -7.88
N ASP A 113 4.80 16.17 -7.74
CA ASP A 113 4.56 14.73 -7.90
C ASP A 113 3.87 14.09 -6.71
N LYS A 114 3.65 14.83 -5.63
CA LYS A 114 3.21 14.23 -4.39
C LYS A 114 1.95 14.94 -3.90
N LEU A 115 1.08 14.15 -3.30
CA LEU A 115 -0.15 14.66 -2.71
C LEU A 115 -0.10 14.32 -1.22
N TYR A 116 -0.29 15.34 -0.38
CA TYR A 116 -0.34 15.14 1.06
C TYR A 116 -1.79 15.26 1.52
N LEU A 117 -2.24 14.28 2.31
CA LEU A 117 -3.63 14.24 2.75
C LEU A 117 -3.65 14.08 4.27
N GLU A 118 -4.34 15.00 4.96
N GLU A 118 -4.41 14.94 4.94
CA GLU A 118 -4.59 14.81 6.38
CA GLU A 118 -4.59 14.83 6.37
C GLU A 118 -6.09 14.69 6.61
C GLU A 118 -6.09 14.69 6.65
N LEU A 119 -6.48 13.54 7.19
CA LEU A 119 -7.86 13.25 7.51
C LEU A 119 -8.04 13.43 9.01
N THR A 120 -9.09 14.14 9.38
CA THR A 120 -9.28 14.46 10.79
C THR A 120 -10.63 13.97 11.25
N CYS A 121 -10.67 13.55 12.51
CA CYS A 121 -11.94 13.23 13.16
C CYS A 121 -11.70 13.31 14.65
N GLY A 122 -12.44 14.19 15.33
CA GLY A 122 -12.25 14.34 16.76
C GLY A 122 -10.85 14.79 17.08
N ASP A 123 -10.16 14.05 17.95
CA ASP A 123 -8.78 14.35 18.30
C ASP A 123 -7.77 13.58 17.46
N GLN A 124 -8.21 12.82 16.45
CA GLN A 124 -7.31 11.96 15.69
C GLN A 124 -7.01 12.56 14.32
N VAL A 125 -5.77 12.38 13.86
CA VAL A 125 -5.33 12.85 12.56
C VAL A 125 -4.59 11.70 11.88
N CYS A 126 -4.99 11.40 10.63
CA CYS A 126 -4.30 10.39 9.83
C CYS A 126 -3.58 11.15 8.71
N ARG A 127 -2.30 10.83 8.49
CA ARG A 127 -1.51 11.55 7.50
C ARG A 127 -1.08 10.60 6.40
N GLN A 128 -1.44 10.91 5.17
CA GLN A 128 -1.15 10.06 4.03
C GLN A 128 -0.37 10.85 3.00
N VAL A 129 0.52 10.16 2.31
CA VAL A 129 1.25 10.72 1.19
C VAL A 129 1.04 9.83 -0.02
N PHE A 130 0.75 10.45 -1.17
CA PHE A 130 0.53 9.78 -2.44
C PHE A 130 1.53 10.29 -3.47
N LYS A 131 1.90 9.42 -4.41
CA LYS A 131 2.68 9.86 -5.57
C LYS A 131 1.88 9.61 -6.85
N LYS A 132 1.97 10.56 -7.78
CA LYS A 132 1.22 10.47 -9.02
C LYS A 132 1.80 9.36 -9.89
N LYS A 133 0.96 8.44 -10.34
CA LYS A 133 1.47 7.31 -11.13
C LYS A 133 1.84 7.72 -12.56
N THR B 1 0.47 -24.19 -11.42
CA THR B 1 0.53 -22.89 -12.08
C THR B 1 1.92 -22.28 -11.99
N ARG B 2 2.78 -22.66 -12.94
CA ARG B 2 4.21 -22.39 -12.87
C ARG B 2 4.63 -21.17 -13.68
N ASP B 3 3.70 -20.38 -14.21
CA ASP B 3 4.08 -19.20 -15.00
C ASP B 3 3.97 -17.95 -14.14
N ALA B 4 5.11 -17.49 -13.62
CA ALA B 4 5.15 -16.26 -12.84
C ALA B 4 5.40 -15.03 -13.68
N ASN B 5 5.60 -15.18 -14.99
CA ASN B 5 5.80 -14.02 -15.86
C ASN B 5 4.74 -12.95 -15.62
N GLY B 6 5.16 -11.69 -15.64
CA GLY B 6 4.23 -10.57 -15.63
C GLY B 6 4.65 -9.38 -14.80
N THR B 7 3.86 -8.32 -14.86
CA THR B 7 3.97 -7.19 -13.96
C THR B 7 2.89 -7.35 -12.89
N TRP B 8 3.29 -7.39 -11.63
CA TRP B 8 2.42 -7.80 -10.54
C TRP B 8 2.22 -6.61 -9.62
N GLU B 9 0.97 -6.16 -9.50
CA GLU B 9 0.64 -4.95 -8.75
C GLU B 9 0.12 -5.34 -7.37
N MET B 10 0.68 -4.75 -6.33
CA MET B 10 0.34 -5.21 -4.99
C MET B 10 -1.07 -4.77 -4.63
N GLU B 11 -1.88 -5.71 -4.11
CA GLU B 11 -3.22 -5.43 -3.64
C GLU B 11 -3.36 -5.47 -2.12
N SER B 12 -2.55 -6.26 -1.44
CA SER B 12 -2.64 -6.30 0.02
C SER B 12 -1.30 -6.71 0.59
N ASN B 13 -1.07 -6.30 1.83
CA ASN B 13 0.23 -6.44 2.46
C ASN B 13 0.00 -6.55 3.95
N GLU B 14 0.23 -7.72 4.48
CA GLU B 14 -0.02 -8.04 5.87
C GLU B 14 1.24 -8.37 6.67
N ASN B 15 1.40 -7.71 7.80
CA ASN B 15 2.52 -7.93 8.72
C ASN B 15 3.87 -7.64 8.07
N PHE B 16 3.89 -6.69 7.13
CA PHE B 16 5.13 -6.20 6.57
C PHE B 16 6.05 -5.68 7.66
N GLU B 17 5.47 -4.99 8.66
CA GLU B 17 6.26 -4.41 9.74
C GLU B 17 6.95 -5.48 10.58
N GLY B 18 6.22 -6.51 10.97
CA GLY B 18 6.81 -7.54 11.81
C GLY B 18 7.91 -8.31 11.10
N TRP B 19 7.69 -8.59 9.81
CA TRP B 19 8.71 -9.27 9.02
C TRP B 19 9.99 -8.44 8.95
N MET B 20 9.87 -7.15 8.62
CA MET B 20 11.05 -6.29 8.53
C MET B 20 11.76 -6.18 9.88
N LYS B 21 10.98 -6.13 10.95
CA LYS B 21 11.58 -6.04 12.29
C LYS B 21 12.30 -7.33 12.64
N ALA B 22 11.76 -8.48 12.21
CA ALA B 22 12.44 -9.75 12.42
C ALA B 22 13.78 -9.79 11.70
N LEU B 23 13.90 -9.10 10.56
CA LEU B 23 15.16 -8.98 9.82
C LEU B 23 16.08 -7.93 10.43
N ASP B 24 15.63 -7.24 11.47
CA ASP B 24 16.43 -6.24 12.14
C ASP B 24 16.73 -5.04 11.25
N ILE B 25 15.79 -4.71 10.36
CA ILE B 25 15.95 -3.52 9.54
C ILE B 25 15.78 -2.28 10.41
N ASP B 26 16.66 -1.30 10.21
CA ASP B 26 16.66 -0.08 11.03
C ASP B 26 15.25 0.49 11.13
N PHE B 27 14.88 0.96 12.34
CA PHE B 27 13.54 1.49 12.51
C PHE B 27 13.24 2.59 11.50
N ALA B 28 14.24 3.44 11.25
CA ALA B 28 14.05 4.53 10.29
C ALA B 28 13.63 4.00 8.93
N LEU B 29 14.35 3.00 8.42
CA LEU B 29 14.01 2.45 7.12
C LEU B 29 12.63 1.80 7.14
N ARG B 30 12.29 1.11 8.20
CA ARG B 30 11.02 0.46 8.25
C ARG B 30 9.94 1.48 8.15
N LYS B 31 10.16 2.60 8.80
CA LYS B 31 9.18 3.61 8.85
C LYS B 31 8.77 4.11 7.50
N ILE B 32 9.72 4.39 6.65
CA ILE B 32 9.42 4.87 5.32
C ILE B 32 9.01 3.79 4.33
N ALA B 33 9.25 2.53 4.64
CA ALA B 33 8.91 1.45 3.74
C ALA B 33 7.58 0.69 3.98
N VAL B 34 7.17 0.62 5.23
CA VAL B 34 5.96 -0.08 5.65
C VAL B 34 4.69 0.12 4.80
N ARG B 35 4.41 1.33 4.34
CA ARG B 35 3.17 1.51 3.58
C ARG B 35 3.35 1.77 2.12
N LEU B 36 4.54 1.51 1.59
CA LEU B 36 4.77 1.75 0.19
C LEU B 36 4.03 0.75 -0.67
N THR B 37 3.45 1.17 -1.77
CA THR B 37 2.78 0.24 -2.65
C THR B 37 3.82 -0.24 -3.62
N LEU B 38 4.05 -1.54 -3.66
CA LEU B 38 5.09 -2.16 -4.46
C LEU B 38 4.66 -2.76 -5.77
N THR B 39 5.59 -2.80 -6.71
CA THR B 39 5.36 -3.38 -8.03
C THR B 39 6.36 -4.49 -8.28
N LEU B 40 5.86 -5.69 -8.53
CA LEU B 40 6.74 -6.84 -8.76
C LEU B 40 6.82 -7.25 -10.24
N VAL B 41 8.04 -7.27 -10.76
CA VAL B 41 8.28 -7.67 -12.15
C VAL B 41 8.99 -9.02 -12.13
N ILE B 42 8.53 -9.95 -12.96
CA ILE B 42 9.12 -11.27 -13.00
C ILE B 42 9.29 -11.70 -14.45
N ASP B 43 10.52 -12.01 -14.84
CA ASP B 43 10.83 -12.60 -16.13
C ASP B 43 11.27 -14.04 -15.92
N GLN B 44 10.52 -14.98 -16.47
CA GLN B 44 10.79 -16.41 -16.32
C GLN B 44 10.97 -17.06 -17.68
N ASP B 45 12.10 -17.74 -17.87
CA ASP B 45 12.38 -18.48 -19.09
C ASP B 45 12.94 -19.84 -18.68
N GLY B 46 12.08 -20.84 -18.56
CA GLY B 46 12.55 -22.15 -18.13
C GLY B 46 13.11 -22.10 -16.71
N ASP B 47 14.40 -22.45 -16.58
CA ASP B 47 15.09 -22.41 -15.29
C ASP B 47 15.19 -21.00 -14.74
N ASN B 48 15.25 -20.03 -15.63
CA ASN B 48 15.92 -18.77 -15.37
C ASN B 48 14.90 -17.71 -15.02
N PHE B 49 15.15 -17.04 -13.91
CA PHE B 49 14.26 -16.04 -13.37
C PHE B 49 15.03 -14.76 -13.21
N LYS B 50 14.36 -13.65 -13.47
CA LYS B 50 14.81 -12.36 -12.99
C LYS B 50 13.64 -11.69 -12.30
N VAL B 51 13.82 -11.27 -11.05
CA VAL B 51 12.76 -10.65 -10.28
C VAL B 51 13.22 -9.25 -9.91
N LYS B 52 12.40 -8.26 -10.24
CA LYS B 52 12.64 -6.88 -9.82
C LYS B 52 11.45 -6.37 -9.02
N CYS B 53 11.74 -5.82 -7.85
CA CYS B 53 10.76 -5.08 -7.08
C CYS B 53 11.06 -3.60 -7.24
N THR B 54 10.06 -2.86 -7.74
CA THR B 54 10.17 -1.43 -7.89
C THR B 54 9.34 -0.75 -6.82
N SER B 55 10.00 0.13 -6.07
CA SER B 55 9.38 1.19 -5.31
C SER B 55 10.06 2.49 -5.69
N THR B 56 9.35 3.61 -5.52
CA THR B 56 9.96 4.93 -5.69
C THR B 56 10.77 5.33 -4.46
N PHE B 57 11.55 4.39 -3.97
CA PHE B 57 12.45 4.62 -2.86
C PHE B 57 13.70 3.81 -2.99
N ALA B 58 13.54 2.52 -3.21
CA ALA B 58 14.64 1.58 -3.39
C ALA B 58 14.20 0.55 -4.43
N ASN B 59 15.09 -0.38 -4.71
CA ASN B 59 14.88 -1.47 -5.66
C ASN B 59 15.58 -2.74 -5.25
N TYR B 60 14.90 -3.87 -5.45
CA TYR B 60 15.43 -5.17 -5.05
C TYR B 60 15.34 -6.08 -6.27
N ASP B 61 16.50 -6.41 -6.85
CA ASP B 61 16.57 -7.17 -8.09
C ASP B 61 17.44 -8.40 -7.90
N VAL B 62 16.89 -9.57 -8.22
CA VAL B 62 17.62 -10.83 -8.13
C VAL B 62 17.38 -11.65 -9.39
N ASP B 63 18.44 -12.29 -9.90
CA ASP B 63 18.33 -13.32 -10.93
C ASP B 63 18.81 -14.64 -10.36
N PHE B 64 18.15 -15.73 -10.73
CA PHE B 64 18.56 -17.04 -10.23
C PHE B 64 18.14 -18.11 -11.22
N THR B 65 18.68 -19.29 -11.02
CA THR B 65 18.27 -20.46 -11.77
C THR B 65 17.71 -21.46 -10.78
N VAL B 66 16.55 -22.03 -11.11
CA VAL B 66 15.90 -22.96 -10.20
C VAL B 66 16.82 -24.15 -9.96
N GLY B 67 16.98 -24.52 -8.70
CA GLY B 67 17.80 -25.65 -8.31
C GLY B 67 19.29 -25.39 -8.21
N VAL B 68 19.74 -24.15 -8.37
CA VAL B 68 21.17 -23.79 -8.33
C VAL B 68 21.38 -22.79 -7.20
N GLU B 69 22.15 -23.19 -6.18
CA GLU B 69 22.36 -22.30 -5.04
C GLU B 69 23.15 -21.07 -5.49
N PHE B 70 22.84 -19.91 -4.90
CA PHE B 70 23.52 -18.68 -5.27
C PHE B 70 23.75 -17.83 -4.04
N ASP B 71 24.87 -17.10 -4.05
CA ASP B 71 25.16 -16.15 -2.99
C ASP B 71 24.35 -14.88 -3.21
N GLU B 72 23.79 -14.38 -2.13
CA GLU B 72 22.96 -13.19 -2.15
C GLU B 72 23.46 -12.26 -1.07
N TYR B 73 23.45 -10.96 -1.36
CA TYR B 73 23.83 -9.94 -0.39
C TYR B 73 22.71 -8.93 -0.39
N THR B 74 21.97 -8.88 0.72
CA THR B 74 20.67 -8.20 0.74
C THR B 74 20.88 -6.70 1.00
N LYS B 75 21.67 -6.10 0.11
CA LYS B 75 22.22 -4.77 0.34
C LYS B 75 21.14 -3.74 0.60
N SER B 76 20.07 -3.78 -0.18
CA SER B 76 18.98 -2.82 -0.07
C SER B 76 17.96 -3.21 0.98
N LEU B 77 18.15 -4.32 1.70
CA LEU B 77 17.24 -4.70 2.78
C LEU B 77 17.98 -4.76 4.13
N ASP B 78 18.27 -5.96 4.66
CA ASP B 78 18.95 -6.07 5.95
C ASP B 78 20.47 -6.17 5.82
N ASN B 79 21.00 -6.13 4.59
CA ASN B 79 22.45 -6.09 4.37
C ASN B 79 23.16 -7.31 4.98
N ARG B 80 22.67 -8.51 4.65
CA ARG B 80 23.28 -9.74 5.09
C ARG B 80 23.68 -10.62 3.91
N HIS B 81 24.63 -11.52 4.15
CA HIS B 81 25.03 -12.56 3.19
C HIS B 81 24.22 -13.84 3.46
N VAL B 82 23.50 -14.32 2.47
CA VAL B 82 22.81 -15.61 2.59
C VAL B 82 23.15 -16.47 1.38
N LYS B 83 23.02 -17.79 1.57
CA LYS B 83 23.11 -18.75 0.49
C LYS B 83 21.68 -19.13 0.11
N ALA B 84 21.25 -18.73 -1.08
CA ALA B 84 19.86 -18.87 -1.47
C ALA B 84 19.64 -20.02 -2.43
N LEU B 85 18.44 -20.58 -2.39
CA LEU B 85 18.11 -21.72 -3.25
C LEU B 85 16.62 -21.68 -3.55
N VAL B 86 16.26 -21.61 -4.83
CA VAL B 86 14.86 -21.56 -5.25
C VAL B 86 14.52 -22.86 -5.95
N THR B 87 13.45 -23.52 -5.50
CA THR B 87 13.04 -24.81 -6.07
C THR B 87 11.53 -24.84 -6.27
N TRP B 88 11.07 -25.85 -6.98
CA TRP B 88 9.65 -26.10 -7.14
C TRP B 88 9.20 -27.20 -6.17
N GLU B 89 8.19 -26.90 -5.37
CA GLU B 89 7.51 -27.92 -4.57
C GLU B 89 6.09 -28.03 -5.14
N GLY B 90 5.90 -28.96 -6.07
CA GLY B 90 4.69 -28.94 -6.87
C GLY B 90 4.67 -27.69 -7.74
N ASP B 91 3.63 -26.87 -7.57
CA ASP B 91 3.55 -25.60 -8.30
C ASP B 91 3.90 -24.42 -7.41
N VAL B 92 4.32 -24.67 -6.17
CA VAL B 92 4.81 -23.62 -5.28
C VAL B 92 6.27 -23.35 -5.57
N LEU B 93 6.62 -22.07 -5.73
CA LEU B 93 8.00 -21.65 -5.89
C LEU B 93 8.54 -21.30 -4.52
N VAL B 94 9.57 -21.99 -4.08
CA VAL B 94 10.04 -21.91 -2.69
C VAL B 94 11.48 -21.46 -2.68
N CYS B 95 11.77 -20.44 -1.86
CA CYS B 95 13.13 -19.95 -1.68
C CYS B 95 13.53 -20.13 -0.23
N VAL B 96 14.67 -20.77 -0.01
CA VAL B 96 15.29 -20.85 1.31
CA VAL B 96 15.29 -20.85 1.31
C VAL B 96 16.57 -20.04 1.28
N GLN B 97 16.76 -19.16 2.26
CA GLN B 97 17.96 -18.33 2.36
C GLN B 97 18.71 -18.73 3.62
N LYS B 98 19.79 -19.49 3.45
CA LYS B 98 20.55 -20.01 4.58
C LYS B 98 21.52 -18.94 5.06
N GLY B 99 21.57 -18.74 6.37
CA GLY B 99 22.38 -17.68 6.95
C GLY B 99 22.09 -17.51 8.42
N GLU B 100 22.37 -16.32 8.94
CA GLU B 100 22.19 -16.08 10.37
C GLU B 100 20.73 -16.23 10.81
N LYS B 101 19.78 -15.80 9.98
CA LYS B 101 18.37 -15.87 10.35
C LYS B 101 17.79 -17.24 10.07
N GLU B 102 16.98 -17.72 11.01
CA GLU B 102 16.28 -19.00 10.91
C GLU B 102 14.95 -18.85 10.16
N ASN B 103 14.53 -19.92 9.48
CA ASN B 103 13.22 -19.92 8.81
C ASN B 103 13.12 -18.81 7.76
N ARG B 104 14.22 -18.45 7.11
CA ARG B 104 14.22 -17.27 6.25
C ARG B 104 14.01 -17.68 4.79
N GLY B 105 13.06 -17.04 4.13
CA GLY B 105 12.85 -17.31 2.72
C GLY B 105 11.52 -16.75 2.25
N TRP B 106 10.99 -17.36 1.19
CA TRP B 106 9.69 -16.96 0.71
C TRP B 106 9.09 -18.10 -0.12
N LYS B 107 7.77 -18.02 -0.31
CA LYS B 107 7.04 -18.93 -1.18
C LYS B 107 6.11 -18.13 -2.07
N LYS B 108 5.93 -18.55 -3.30
CA LYS B 108 5.04 -17.91 -4.22
C LYS B 108 4.06 -18.94 -4.78
N TRP B 109 2.77 -18.60 -4.71
CA TRP B 109 1.68 -19.35 -5.34
C TRP B 109 1.08 -18.48 -6.43
N ILE B 110 1.03 -18.95 -7.66
CA ILE B 110 0.39 -18.18 -8.72
C ILE B 110 -0.94 -18.85 -9.02
N GLU B 111 -2.01 -18.13 -8.73
CA GLU B 111 -3.37 -18.63 -8.97
C GLU B 111 -4.07 -17.71 -9.95
N GLY B 112 -3.98 -18.03 -11.22
CA GLY B 112 -4.62 -17.24 -12.23
C GLY B 112 -3.94 -15.92 -12.38
N ASP B 113 -4.68 -14.85 -12.18
CA ASP B 113 -4.15 -13.52 -12.30
C ASP B 113 -3.74 -12.97 -10.95
N LYS B 114 -3.61 -13.86 -9.96
CA LYS B 114 -3.21 -13.44 -8.62
C LYS B 114 -1.93 -14.14 -8.19
N LEU B 115 -1.10 -13.43 -7.43
CA LEU B 115 0.16 -13.99 -6.96
C LEU B 115 0.32 -13.84 -5.46
N TYR B 116 0.18 -14.95 -4.74
CA TYR B 116 0.31 -14.94 -3.28
C TYR B 116 1.77 -15.15 -2.88
N LEU B 117 2.29 -14.23 -2.08
CA LEU B 117 3.67 -14.32 -1.63
C LEU B 117 3.79 -14.28 -0.10
N GLU B 118 4.46 -15.29 0.45
CA GLU B 118 4.66 -15.39 1.89
C GLU B 118 6.14 -15.20 2.16
N LEU B 119 6.49 -14.15 2.90
CA LEU B 119 7.86 -13.87 3.30
C LEU B 119 8.04 -14.31 4.74
N THR B 120 9.09 -15.07 5.02
CA THR B 120 9.28 -15.57 6.38
C THR B 120 10.63 -15.15 6.92
N CYS B 121 10.63 -14.82 8.21
CA CYS B 121 11.87 -14.64 8.95
C CYS B 121 11.59 -15.02 10.39
N GLY B 122 12.33 -15.99 10.89
CA GLY B 122 12.10 -16.44 12.25
C GLY B 122 10.65 -16.82 12.46
N ASP B 123 10.02 -16.14 13.41
CA ASP B 123 8.63 -16.37 13.78
C ASP B 123 7.64 -15.57 12.94
N GLN B 124 8.12 -14.64 12.12
CA GLN B 124 7.26 -13.68 11.46
C GLN B 124 6.96 -14.10 10.04
N VAL B 125 5.71 -13.93 9.63
CA VAL B 125 5.26 -14.14 8.26
C VAL B 125 4.60 -12.88 7.75
N CYS B 126 5.06 -12.40 6.60
CA CYS B 126 4.43 -11.32 5.85
C CYS B 126 3.70 -11.95 4.68
N ARG B 127 2.44 -11.59 4.49
CA ARG B 127 1.64 -12.17 3.40
C ARG B 127 1.25 -11.07 2.42
N GLN B 128 1.58 -11.27 1.15
CA GLN B 128 1.25 -10.25 0.16
C GLN B 128 0.44 -10.87 -0.98
N VAL B 129 -0.38 -10.04 -1.61
CA VAL B 129 -1.19 -10.47 -2.75
C VAL B 129 -1.05 -9.43 -3.87
N PHE B 130 -0.77 -9.90 -5.09
CA PHE B 130 -0.56 -9.07 -6.27
C PHE B 130 -1.54 -9.50 -7.36
N LYS B 131 -1.89 -8.56 -8.23
CA LYS B 131 -2.73 -8.81 -9.39
C LYS B 131 -1.90 -8.58 -10.65
N LYS B 132 -1.98 -9.50 -11.60
CA LYS B 132 -1.25 -9.32 -12.85
C LYS B 132 -1.88 -8.20 -13.66
N LYS B 133 -1.06 -7.23 -14.08
CA LYS B 133 -1.56 -6.13 -14.91
C LYS B 133 -1.80 -6.60 -16.34
C ACT C . -15.54 12.65 1.93
O ACT C . -16.61 12.40 1.35
OXT ACT C . -15.20 12.48 3.16
CH3 ACT C . -14.47 13.21 1.09
H1 ACT C . -14.54 14.18 1.07
H2 ACT C . -14.56 12.86 0.19
H3 ACT C . -13.60 12.96 1.45
C1 GOL D . -14.33 10.90 6.72
O1 GOL D . -15.35 11.84 6.67
C2 GOL D . -13.21 11.43 5.85
O2 GOL D . -13.66 11.63 4.52
C3 GOL D . -12.76 12.77 6.57
O3 GOL D . -12.27 12.46 7.90
C1 GOL E . -19.35 6.82 0.60
O1 GOL E . -19.09 5.65 1.34
C2 GOL E . -20.09 6.41 -0.69
O2 GOL E . -20.53 7.51 -1.40
C3 GOL E . -19.07 5.59 -1.51
O3 GOL E . -19.75 4.45 -1.92
C1 GOL F . -12.74 21.24 10.70
O1 GOL F . -13.31 20.19 9.94
C2 GOL F . -13.90 21.91 11.49
O2 GOL F . -13.48 22.26 12.77
C3 GOL F . -15.03 20.86 11.48
O3 GOL F . -16.14 21.37 12.20
C ACT G . -10.44 19.78 8.92
O ACT G . -10.42 19.88 10.18
OXT ACT G . -11.14 20.42 8.06
CH3 ACT G . -9.49 18.75 8.32
H1 ACT G . -9.48 17.95 8.87
H2 ACT G . -8.60 19.12 8.28
H3 ACT G . -9.79 18.52 7.42
C10 ZFJ H . -12.07 9.64 1.66
C13 ZFJ H . -9.40 10.08 1.00
C15 ZFJ H . -8.07 7.69 2.63
C17 ZFJ H . -10.78 2.48 1.60
C20 ZFJ H . -11.01 3.10 5.37
C21 ZFJ H . -9.97 12.51 0.51
C22 ZFJ H . -8.90 12.85 -0.19
C01 ZFJ H . -10.17 6.59 1.92
C02 ZFJ H . -10.08 5.24 2.18
C03 ZFJ H . -11.22 4.51 2.60
C04 ZFJ H . -12.42 5.21 2.68
C05 ZFJ H . -12.49 6.57 2.42
C06 ZFJ H . -11.35 7.23 2.05
C07 ZFJ H . -11.16 8.61 1.69
C08 ZFJ H . -9.86 8.83 1.37
C09 ZFJ H . -9.09 7.54 1.51
C11 ZFJ H . -11.64 10.89 1.29
C12 ZFJ H . -10.31 11.15 0.95
C14 ZFJ H . -8.33 7.11 0.29
C18 ZFJ H . -11.55 2.70 0.32
C19 ZFJ H . -10.56 2.62 4.02
C23 ZFJ H . -8.80 14.20 -0.71
N16 ZFJ H . -11.21 3.14 2.84
C ACT I . 15.74 -13.52 -3.12
O ACT I . 16.69 -12.73 -3.14
OXT ACT I . 15.59 -14.64 -3.69
CH3 ACT I . 14.64 -13.03 -2.29
C1 GOL J . 28.35 -21.69 -5.40
O1 GOL J . 28.82 -21.15 -6.62
C2 GOL J . 27.26 -20.72 -4.90
O2 GOL J . 27.75 -19.44 -4.72
C3 GOL J . 26.65 -21.35 -3.60
O3 GOL J . 27.66 -21.41 -2.64
C1 GOL K . 13.96 -25.48 -1.53
O1 GOL K . 14.30 -24.18 -2.02
C2 GOL K . 14.62 -25.72 -0.13
O2 GOL K . 15.98 -25.52 -0.18
C3 GOL K . 14.27 -27.18 0.24
O3 GOL K . 12.93 -27.18 0.65
C10 ZFJ L . 12.60 -9.19 -1.93
C13 ZFJ L . 9.96 -9.68 -2.81
C15 ZFJ L . 8.33 -7.43 -1.19
C17 ZFJ L . 10.44 -1.93 -1.18
C20 ZFJ L . 12.30 -2.47 2.07
C21 ZFJ L . 10.48 -12.03 -3.42
C22 ZFJ L . 9.42 -12.22 -4.22
C01 ZFJ L . 10.50 -6.22 -1.57
C02 ZFJ L . 10.31 -4.89 -1.19
C03 ZFJ L . 11.40 -4.16 -0.65
C04 ZFJ L . 12.66 -4.81 -0.52
C05 ZFJ L . 12.82 -6.15 -0.90
C06 ZFJ L . 11.73 -6.83 -1.41
C07 ZFJ L . 11.64 -8.20 -1.89
C08 ZFJ L . 10.33 -8.43 -2.31
C09 ZFJ L . 9.49 -7.18 -2.15
C11 ZFJ L . 12.25 -10.45 -2.43
C12 ZFJ L . 10.92 -10.71 -2.88
C14 ZFJ L . 8.98 -6.68 -3.52
C18 ZFJ L . 10.75 -1.98 -2.67
C19 ZFJ L . 11.04 -2.69 1.20
C23 ZFJ L . 9.22 -13.52 -4.89
N16 ZFJ L . 11.26 -2.77 -0.25
#